data_9RV5
#
_entry.id   9RV5
#
_cell.length_a   40.470
_cell.length_b   90.106
_cell.length_c   57.817
_cell.angle_alpha   90.00
_cell.angle_beta   97.47
_cell.angle_gamma   90.00
#
_symmetry.space_group_name_H-M   'P 1 21 1'
#
loop_
_entity.id
_entity.type
_entity.pdbx_description
1 polymer 'SPRY domain-containing SOCS box protein 2'
2 polymer 'Tat Peptide'
3 non-polymer 'ACETATE ION'
4 non-polymer 1,2-ETHANEDIOL
5 water water
#
loop_
_entity_poly.entity_id
_entity_poly.type
_entity_poly.pdbx_seq_one_letter_code
_entity_poly.pdbx_strand_id
1 'polypeptide(L)'
;MHHHHHHSSGVDLGTENLYFQSMPEGLEELLSAPPPDLGAQRRHGWNPKDCSENIEVKEGGLYFERRPVAQSTDGARGKR
GYSRGLHAWEISWPLEQRGTHAVVGVATALAPLQTDHYAALLGSNSESWGWDIGRGKLYHQSKGPGAPQYPAGTQGEQLE
VPERLLVVLDMEEGTLGYAIGGTYLGPAFRGLKGRTLYPAVSAVWGQCQVRIRYLGE
;
A,C
2 'polypeptide(L)' YGRKKRRQRRRGSGVDINNN B,D
#
loop_
_chem_comp.id
_chem_comp.type
_chem_comp.name
_chem_comp.formula
ACT non-polymer 'ACETATE ION' 'C2 H3 O2 -1'
EDO non-polymer 1,2-ETHANEDIOL 'C2 H6 O2'
#
# COMPACT_ATOMS: atom_id res chain seq x y z
N LEU A 18 9.47 5.39 2.14
CA LEU A 18 8.26 6.16 2.52
C LEU A 18 7.00 5.50 1.96
N TYR A 19 7.12 4.73 0.85
CA TYR A 19 5.94 4.26 0.15
C TYR A 19 5.93 2.74 0.08
N PHE A 20 6.89 2.08 0.72
CA PHE A 20 7.04 0.65 0.47
C PHE A 20 5.90 -0.15 1.09
N GLN A 21 5.56 -1.25 0.38
CA GLN A 21 4.50 -2.18 0.75
C GLN A 21 5.09 -3.57 0.73
N SER A 22 4.48 -4.50 1.47
CA SER A 22 4.83 -5.90 1.37
C SER A 22 4.53 -6.37 -0.05
N MET A 23 5.33 -7.34 -0.50
CA MET A 23 5.20 -7.90 -1.83
C MET A 23 4.27 -9.10 -1.80
N PRO A 24 3.62 -9.46 -2.93
CA PRO A 24 2.92 -10.73 -3.03
C PRO A 24 3.85 -11.93 -2.88
N GLU A 25 3.32 -13.04 -2.36
CA GLU A 25 4.09 -14.26 -2.21
C GLU A 25 4.78 -14.59 -3.53
N GLY A 26 6.09 -14.87 -3.49
CA GLY A 26 6.79 -15.32 -4.68
C GLY A 26 7.62 -14.22 -5.36
N LEU A 27 7.28 -12.94 -5.14
CA LEU A 27 7.96 -11.89 -5.88
C LEU A 27 9.42 -11.78 -5.46
N GLU A 28 9.68 -11.83 -4.15
CA GLU A 28 11.04 -11.79 -3.63
C GLU A 28 11.93 -12.82 -4.32
N GLU A 29 11.42 -14.05 -4.46
CA GLU A 29 12.18 -15.14 -5.05
C GLU A 29 12.47 -14.83 -6.51
N LEU A 30 11.46 -14.32 -7.23
CA LEU A 30 11.64 -13.91 -8.60
C LEU A 30 12.74 -12.86 -8.72
N LEU A 31 12.78 -11.90 -7.79
CA LEU A 31 13.71 -10.79 -7.86
C LEU A 31 15.11 -11.23 -7.45
N SER A 32 15.19 -12.28 -6.63
CA SER A 32 16.45 -12.82 -6.13
C SER A 32 17.17 -13.64 -7.19
N ALA A 33 16.41 -14.28 -8.08
CA ALA A 33 16.97 -15.19 -9.07
C ALA A 33 17.88 -14.41 -10.01
N PRO A 34 18.93 -15.03 -10.59
CA PRO A 34 19.71 -14.35 -11.63
C PRO A 34 18.84 -14.09 -12.85
N PRO A 35 19.14 -13.04 -13.65
CA PRO A 35 18.26 -12.64 -14.72
C PRO A 35 18.00 -13.82 -15.67
N PRO A 36 16.81 -13.89 -16.27
CA PRO A 36 16.50 -14.97 -17.18
C PRO A 36 17.29 -14.87 -18.47
N ASP A 37 17.51 -16.02 -19.07
CA ASP A 37 18.16 -16.12 -20.36
C ASP A 37 17.36 -15.31 -21.39
N LEU A 38 18.05 -14.89 -22.44
CA LEU A 38 17.46 -14.06 -23.48
C LEU A 38 16.32 -14.80 -24.19
N GLY A 39 16.41 -16.13 -24.32
CA GLY A 39 15.33 -16.92 -24.91
C GLY A 39 14.03 -16.75 -24.13
N ALA A 40 14.10 -16.88 -22.81
CA ALA A 40 12.94 -16.66 -21.96
C ALA A 40 12.39 -15.23 -22.15
N GLN A 41 13.29 -14.25 -22.24
CA GLN A 41 12.88 -12.86 -22.43
C GLN A 41 12.16 -12.65 -23.76
N ARG A 42 12.64 -13.32 -24.82
CA ARG A 42 12.04 -13.22 -26.14
C ARG A 42 10.65 -13.83 -26.15
N ARG A 43 10.50 -14.99 -25.50
CA ARG A 43 9.22 -15.70 -25.48
C ARG A 43 8.10 -14.86 -24.84
N HIS A 44 8.44 -14.01 -23.86
CA HIS A 44 7.44 -13.20 -23.18
C HIS A 44 7.59 -11.72 -23.53
N GLY A 45 8.45 -11.43 -24.52
CA GLY A 45 8.75 -10.08 -24.94
C GLY A 45 7.73 -9.52 -25.92
N TRP A 46 8.09 -8.37 -26.50
CA TRP A 46 7.15 -7.67 -27.37
C TRP A 46 6.82 -8.54 -28.57
N ASN A 47 5.55 -8.48 -28.99
CA ASN A 47 5.04 -9.30 -30.09
C ASN A 47 5.05 -8.51 -31.39
N PRO A 48 5.87 -8.89 -32.39
CA PRO A 48 5.86 -8.21 -33.68
C PRO A 48 4.54 -8.35 -34.43
N LYS A 49 3.75 -9.35 -34.05
CA LYS A 49 2.45 -9.56 -34.68
C LYS A 49 1.33 -8.89 -33.87
N ASP A 50 1.68 -8.14 -32.82
CA ASP A 50 0.67 -7.49 -32.00
C ASP A 50 1.19 -6.15 -31.47
N CYS A 51 1.46 -5.23 -32.39
CA CYS A 51 1.96 -3.91 -32.04
C CYS A 51 1.53 -2.88 -33.06
N SER A 52 1.74 -1.60 -32.75
CA SER A 52 1.41 -0.54 -33.68
C SER A 52 2.18 -0.77 -34.99
N GLU A 53 1.53 -0.43 -36.10
CA GLU A 53 2.18 -0.38 -37.39
C GLU A 53 3.39 0.56 -37.38
N ASN A 54 3.51 1.49 -36.41
CA ASN A 54 4.64 2.42 -36.33
C ASN A 54 5.75 1.91 -35.40
N ILE A 55 5.61 0.68 -34.91
CA ILE A 55 6.59 0.11 -33.99
C ILE A 55 7.26 -1.07 -34.67
N GLU A 56 8.59 -1.13 -34.52
CA GLU A 56 9.41 -2.25 -34.95
C GLU A 56 9.93 -2.99 -33.73
N VAL A 57 9.56 -4.26 -33.61
CA VAL A 57 10.08 -5.09 -32.53
C VAL A 57 11.45 -5.60 -32.96
N LYS A 58 12.40 -5.63 -32.01
CA LYS A 58 13.81 -5.90 -32.29
C LYS A 58 14.30 -7.05 -31.39
N GLU A 59 15.32 -7.77 -31.88
CA GLU A 59 16.00 -8.83 -31.14
C GLU A 59 15.02 -9.89 -30.64
N GLY A 60 14.01 -10.17 -31.46
CA GLY A 60 13.09 -11.25 -31.15
C GLY A 60 12.15 -10.93 -29.99
N GLY A 61 11.99 -9.64 -29.62
CA GLY A 61 11.06 -9.23 -28.58
C GLY A 61 11.70 -8.52 -27.39
N LEU A 62 13.03 -8.43 -27.33
CA LEU A 62 13.70 -7.85 -26.16
C LEU A 62 13.33 -6.37 -26.00
N TYR A 63 13.13 -5.67 -27.12
CA TYR A 63 12.78 -4.26 -27.09
C TYR A 63 12.10 -3.90 -28.40
N PHE A 64 11.52 -2.69 -28.46
CA PHE A 64 10.96 -2.18 -29.69
C PHE A 64 11.44 -0.75 -29.88
N GLU A 65 11.39 -0.29 -31.14
CA GLU A 65 11.63 1.10 -31.48
C GLU A 65 10.40 1.67 -32.16
N ARG A 66 9.93 2.82 -31.67
CA ARG A 66 8.83 3.53 -32.33
C ARG A 66 9.41 4.43 -33.41
N ARG A 67 8.93 4.28 -34.64
CA ARG A 67 9.36 5.14 -35.72
C ARG A 67 8.90 6.57 -35.44
N PRO A 68 9.62 7.60 -35.94
CA PRO A 68 9.15 8.98 -35.84
C PRO A 68 7.94 9.20 -36.74
N VAL A 69 6.81 9.48 -36.10
CA VAL A 69 5.54 9.65 -36.78
C VAL A 69 4.81 10.72 -35.99
N ALA A 70 4.45 11.85 -36.64
CA ALA A 70 3.83 12.97 -35.94
C ALA A 70 2.38 12.65 -35.62
N GLN A 71 1.92 13.14 -34.46
CA GLN A 71 0.52 13.08 -34.05
C GLN A 71 0.01 11.63 -34.04
N SER A 72 0.73 10.80 -33.30
CA SER A 72 0.46 9.38 -33.23
C SER A 72 0.89 8.87 -31.85
N THR A 73 0.03 8.06 -31.22
CA THR A 73 0.45 7.32 -30.04
C THR A 73 0.39 5.84 -30.42
N ASP A 74 1.35 5.06 -29.89
CA ASP A 74 1.69 3.75 -30.42
C ASP A 74 2.03 2.81 -29.29
N GLY A 75 1.31 1.67 -29.25
CA GLY A 75 1.48 0.66 -28.23
C GLY A 75 1.92 -0.70 -28.79
N ALA A 76 2.32 -1.54 -27.83
CA ALA A 76 2.73 -2.90 -28.10
C ALA A 76 2.25 -3.76 -26.92
N ARG A 77 1.91 -5.01 -27.25
CA ARG A 77 1.65 -6.02 -26.25
C ARG A 77 2.75 -7.09 -26.28
N GLY A 78 3.00 -7.66 -25.11
CA GLY A 78 3.77 -8.87 -24.98
C GLY A 78 3.14 -10.02 -25.76
N LYS A 79 3.94 -11.06 -26.03
CA LYS A 79 3.50 -12.24 -26.76
C LYS A 79 2.51 -13.09 -25.95
N ARG A 80 2.52 -13.00 -24.62
CA ARG A 80 1.77 -13.95 -23.81
C ARG A 80 0.86 -13.21 -22.83
N GLY A 81 -0.36 -13.73 -22.68
CA GLY A 81 -1.37 -13.18 -21.79
C GLY A 81 -1.47 -14.04 -20.54
N TYR A 82 -1.65 -13.39 -19.38
CA TYR A 82 -1.62 -14.06 -18.09
C TYR A 82 -3.01 -14.01 -17.45
N SER A 83 -3.48 -15.16 -16.93
CA SER A 83 -4.76 -15.18 -16.25
C SER A 83 -4.70 -15.79 -14.85
N ARG A 84 -3.58 -16.44 -14.51
CA ARG A 84 -3.35 -17.01 -13.19
C ARG A 84 -1.87 -16.84 -12.87
N GLY A 85 -1.54 -16.95 -11.58
CA GLY A 85 -0.16 -16.93 -11.14
C GLY A 85 0.38 -15.51 -11.01
N LEU A 86 1.66 -15.45 -10.64
CA LEU A 86 2.40 -14.22 -10.47
C LEU A 86 3.26 -13.96 -11.69
N HIS A 87 3.23 -12.72 -12.18
CA HIS A 87 4.00 -12.35 -13.35
C HIS A 87 4.67 -11.00 -13.09
N ALA A 88 5.98 -10.95 -13.35
CA ALA A 88 6.67 -9.68 -13.20
C ALA A 88 7.65 -9.51 -14.34
N TRP A 89 7.78 -8.26 -14.79
CA TRP A 89 8.74 -7.90 -15.82
C TRP A 89 9.27 -6.52 -15.56
N GLU A 90 10.55 -6.33 -15.89
CA GLU A 90 11.14 -5.01 -15.88
C GLU A 90 10.87 -4.30 -17.21
N ILE A 91 10.58 -3.02 -17.12
CA ILE A 91 10.58 -2.14 -18.27
C ILE A 91 11.76 -1.19 -18.12
N SER A 92 12.54 -1.07 -19.19
CA SER A 92 13.59 -0.06 -19.26
C SER A 92 13.22 0.95 -20.34
N TRP A 93 13.01 2.21 -19.93
CA TRP A 93 12.47 3.24 -20.80
C TRP A 93 13.24 4.53 -20.55
N PRO A 94 14.28 4.82 -21.37
CA PRO A 94 15.14 5.98 -21.10
C PRO A 94 14.35 7.26 -20.86
N LEU A 95 14.80 8.04 -19.86
CA LEU A 95 14.13 9.25 -19.40
C LEU A 95 13.94 10.23 -20.54
N GLU A 96 14.96 10.39 -21.39
CA GLU A 96 14.94 11.35 -22.49
C GLU A 96 14.18 10.83 -23.71
N GLN A 97 13.53 9.66 -23.62
CA GLN A 97 12.77 9.13 -24.74
C GLN A 97 11.31 8.88 -24.34
N ARG A 98 10.81 9.66 -23.37
CA ARG A 98 9.45 9.49 -22.87
C ARG A 98 8.47 10.47 -23.50
N GLY A 99 8.86 11.74 -23.65
CA GLY A 99 7.99 12.71 -24.29
C GLY A 99 6.75 13.00 -23.44
N THR A 100 5.63 13.35 -24.07
CA THR A 100 4.49 13.92 -23.37
C THR A 100 3.62 12.88 -22.67
N HIS A 101 3.59 11.65 -23.20
CA HIS A 101 2.72 10.59 -22.73
C HIS A 101 3.43 9.23 -22.83
N ALA A 102 3.98 8.78 -21.72
CA ALA A 102 4.60 7.45 -21.63
C ALA A 102 3.87 6.66 -20.57
N VAL A 103 3.20 5.58 -20.96
CA VAL A 103 2.35 4.84 -20.04
C VAL A 103 2.78 3.37 -20.05
N VAL A 104 2.81 2.77 -18.86
CA VAL A 104 3.22 1.39 -18.67
C VAL A 104 2.13 0.65 -17.90
N GLY A 105 1.75 -0.53 -18.39
CA GLY A 105 0.78 -1.35 -17.67
C GLY A 105 0.50 -2.65 -18.40
N VAL A 106 -0.80 -2.94 -18.55
CA VAL A 106 -1.28 -4.16 -19.16
C VAL A 106 -2.51 -3.85 -20.02
N ALA A 107 -2.81 -4.78 -20.93
CA ALA A 107 -3.97 -4.64 -21.81
C ALA A 107 -4.57 -6.02 -22.07
N THR A 108 -5.87 -6.04 -22.38
CA THR A 108 -6.47 -7.23 -22.95
C THR A 108 -5.95 -7.34 -24.37
N ALA A 109 -6.29 -8.45 -25.02
CA ALA A 109 -5.91 -8.69 -26.39
C ALA A 109 -6.61 -7.71 -27.36
N LEU A 110 -7.67 -7.01 -26.89
CA LEU A 110 -8.46 -6.16 -27.75
C LEU A 110 -8.17 -4.67 -27.57
N ALA A 111 -7.33 -4.26 -26.61
CA ALA A 111 -7.08 -2.82 -26.47
C ALA A 111 -6.47 -2.28 -27.76
N PRO A 112 -6.86 -1.07 -28.22
CA PRO A 112 -6.26 -0.45 -29.40
C PRO A 112 -4.81 -0.04 -29.16
N LEU A 113 -3.97 -0.25 -30.17
CA LEU A 113 -2.57 0.05 -30.03
C LEU A 113 -2.11 1.23 -30.88
N GLN A 114 -3.06 1.96 -31.49
CA GLN A 114 -2.69 3.20 -32.16
C GLN A 114 -3.82 4.21 -32.07
N THR A 115 -3.45 5.50 -32.00
CA THR A 115 -4.41 6.58 -32.15
C THR A 115 -3.70 7.77 -32.78
N ASP A 116 -4.51 8.67 -33.37
CA ASP A 116 -4.07 9.69 -34.30
C ASP A 116 -3.76 11.02 -33.61
N HIS A 117 -3.30 10.97 -32.35
CA HIS A 117 -2.88 12.15 -31.62
C HIS A 117 -2.04 11.68 -30.45
N TYR A 118 -1.44 12.62 -29.72
CA TYR A 118 -0.66 12.33 -28.55
C TYR A 118 -1.60 12.17 -27.34
N ALA A 119 -1.54 11.00 -26.69
CA ALA A 119 -2.40 10.72 -25.56
C ALA A 119 -1.87 9.55 -24.73
N ALA A 120 -2.47 9.43 -23.53
CA ALA A 120 -2.30 8.25 -22.70
C ALA A 120 -3.20 7.14 -23.24
N LEU A 121 -2.83 6.57 -24.40
CA LEU A 121 -3.64 5.58 -25.08
C LEU A 121 -3.86 4.36 -24.16
N LEU A 122 -2.79 3.92 -23.49
CA LEU A 122 -2.90 2.80 -22.58
C LEU A 122 -3.62 3.30 -21.32
N GLY A 123 -4.83 2.80 -21.07
CA GLY A 123 -5.63 3.24 -19.94
C GLY A 123 -6.81 4.12 -20.34
N SER A 124 -6.95 4.45 -21.63
CA SER A 124 -7.95 5.39 -22.11
C SER A 124 -9.28 4.70 -22.42
N ASN A 125 -9.38 3.39 -22.13
CA ASN A 125 -10.53 2.57 -22.48
C ASN A 125 -10.67 1.48 -21.41
N SER A 126 -11.70 0.65 -21.57
CA SER A 126 -11.98 -0.42 -20.65
C SER A 126 -11.08 -1.64 -20.87
N GLU A 127 -10.20 -1.59 -21.88
CA GLU A 127 -9.40 -2.76 -22.23
C GLU A 127 -7.94 -2.65 -21.77
N SER A 128 -7.61 -1.60 -21.01
CA SER A 128 -6.22 -1.34 -20.67
C SER A 128 -6.10 -0.57 -19.33
N TRP A 129 -4.97 -0.73 -18.65
CA TRP A 129 -4.70 -0.14 -17.34
C TRP A 129 -3.24 0.31 -17.34
N GLY A 130 -2.98 1.59 -17.11
CA GLY A 130 -1.62 2.11 -17.23
C GLY A 130 -1.26 3.13 -16.14
N TRP A 131 0.05 3.20 -15.87
CA TRP A 131 0.65 4.24 -15.06
C TRP A 131 1.43 5.17 -15.97
N ASP A 132 1.04 6.43 -15.96
CA ASP A 132 1.75 7.47 -16.68
C ASP A 132 3.03 7.74 -15.89
N ILE A 133 4.18 7.36 -16.44
CA ILE A 133 5.40 7.45 -15.65
C ILE A 133 5.99 8.86 -15.69
N GLY A 134 5.37 9.79 -16.42
CA GLY A 134 5.78 11.19 -16.39
C GLY A 134 5.01 11.98 -15.31
N ARG A 135 3.69 11.79 -15.28
CA ARG A 135 2.78 12.53 -14.43
C ARG A 135 2.44 11.77 -13.15
N GLY A 136 2.60 10.44 -13.16
CA GLY A 136 2.35 9.63 -11.98
C GLY A 136 0.89 9.23 -11.81
N LYS A 137 0.05 9.52 -12.81
CA LYS A 137 -1.38 9.25 -12.74
C LYS A 137 -1.72 7.84 -13.23
N LEU A 138 -2.84 7.31 -12.73
CA LEU A 138 -3.33 6.00 -13.16
C LEU A 138 -4.49 6.15 -14.12
N TYR A 139 -4.47 5.39 -15.23
CA TYR A 139 -5.53 5.46 -16.21
C TYR A 139 -6.17 4.10 -16.39
N HIS A 140 -7.49 4.06 -16.18
CA HIS A 140 -8.33 2.97 -16.69
C HIS A 140 -9.66 3.59 -17.07
N GLN A 141 -10.10 3.34 -18.30
CA GLN A 141 -11.26 4.00 -18.87
C GLN A 141 -11.20 5.50 -18.60
N SER A 142 -10.07 6.13 -18.87
CA SER A 142 -9.84 7.49 -18.40
C SER A 142 -9.17 8.34 -19.48
N LYS A 143 -9.77 9.50 -19.74
CA LYS A 143 -9.24 10.46 -20.70
C LYS A 143 -8.30 11.44 -20.02
N GLY A 144 -8.10 11.31 -18.69
CA GLY A 144 -7.07 12.07 -18.00
C GLY A 144 -7.57 12.77 -16.73
N PRO A 145 -8.74 13.44 -16.73
CA PRO A 145 -9.16 14.23 -15.59
C PRO A 145 -9.73 13.38 -14.45
N GLY A 146 -9.32 13.70 -13.22
CA GLY A 146 -9.72 12.92 -12.06
C GLY A 146 -8.97 11.59 -11.96
N ALA A 147 -7.93 11.42 -12.80
CA ALA A 147 -7.07 10.25 -12.67
C ALA A 147 -6.29 10.41 -11.38
N PRO A 148 -6.27 9.38 -10.51
CA PRO A 148 -5.55 9.49 -9.24
C PRO A 148 -4.03 9.34 -9.40
N GLN A 149 -3.32 9.88 -8.42
CA GLN A 149 -1.87 9.83 -8.36
C GLN A 149 -1.46 8.49 -7.75
N TYR A 150 -0.37 7.90 -8.22
CA TYR A 150 0.18 6.70 -7.63
C TYR A 150 1.69 6.84 -7.55
N PRO A 151 2.34 6.54 -6.40
CA PRO A 151 1.67 6.13 -5.18
C PRO A 151 0.80 7.22 -4.55
N ALA A 152 -0.21 6.82 -3.77
CA ALA A 152 -1.17 7.75 -3.19
C ALA A 152 -0.56 8.51 -2.01
N GLN A 158 5.64 14.34 -6.68
CA GLN A 158 5.49 12.96 -7.19
C GLN A 158 6.86 12.26 -7.14
N LEU A 159 6.83 10.92 -7.17
CA LEU A 159 8.06 10.15 -7.25
C LEU A 159 8.60 10.25 -8.67
N GLU A 160 9.93 10.28 -8.79
CA GLU A 160 10.56 10.17 -10.09
C GLU A 160 10.62 8.68 -10.44
N VAL A 161 10.09 8.34 -11.62
CA VAL A 161 10.21 6.98 -12.10
C VAL A 161 11.54 6.91 -12.87
N PRO A 162 12.52 6.13 -12.39
CA PRO A 162 13.81 6.01 -13.06
C PRO A 162 13.65 5.28 -14.39
N GLU A 163 14.76 5.07 -15.10
CA GLU A 163 14.69 4.39 -16.39
C GLU A 163 14.04 3.01 -16.24
N ARG A 164 14.43 2.27 -15.19
CA ARG A 164 13.93 0.94 -14.94
C ARG A 164 12.77 1.02 -13.95
N LEU A 165 11.70 0.28 -14.26
CA LEU A 165 10.64 0.01 -13.29
C LEU A 165 10.22 -1.44 -13.43
N LEU A 166 9.70 -1.97 -12.33
CA LEU A 166 9.19 -3.32 -12.30
C LEU A 166 7.68 -3.28 -12.38
N VAL A 167 7.11 -4.11 -13.27
CA VAL A 167 5.67 -4.26 -13.39
C VAL A 167 5.29 -5.60 -12.77
N VAL A 168 4.31 -5.58 -11.86
CA VAL A 168 3.94 -6.76 -11.09
C VAL A 168 2.45 -7.06 -11.25
N LEU A 169 2.16 -8.17 -11.93
CA LEU A 169 0.79 -8.58 -12.21
C LEU A 169 0.53 -9.86 -11.43
N ASP A 170 -0.27 -9.73 -10.37
CA ASP A 170 -0.62 -10.84 -9.51
C ASP A 170 -2.02 -11.29 -9.89
N MET A 171 -2.12 -12.36 -10.68
CA MET A 171 -3.42 -12.79 -11.19
C MET A 171 -4.10 -13.76 -10.21
N GLU A 172 -3.45 -14.11 -9.09
CA GLU A 172 -4.15 -14.77 -8.00
C GLU A 172 -5.00 -13.77 -7.24
N GLU A 173 -4.46 -12.56 -6.95
CA GLU A 173 -5.21 -11.56 -6.22
C GLU A 173 -5.89 -10.55 -7.16
N GLY A 174 -5.50 -10.54 -8.45
CA GLY A 174 -6.11 -9.64 -9.42
C GLY A 174 -5.60 -8.20 -9.30
N THR A 175 -4.27 -8.03 -9.16
CA THR A 175 -3.67 -6.72 -8.98
C THR A 175 -2.56 -6.47 -10.00
N LEU A 176 -2.44 -5.19 -10.39
CA LEU A 176 -1.31 -4.65 -11.12
C LEU A 176 -0.68 -3.56 -10.27
N GLY A 177 0.63 -3.69 -10.00
CA GLY A 177 1.38 -2.74 -9.22
C GLY A 177 2.80 -2.63 -9.78
N TYR A 178 3.63 -1.83 -9.12
CA TYR A 178 4.94 -1.46 -9.66
C TYR A 178 5.94 -1.36 -8.53
N ALA A 179 7.21 -1.60 -8.86
CA ALA A 179 8.30 -1.33 -7.94
C ALA A 179 9.33 -0.43 -8.64
N ILE A 180 9.95 0.48 -7.87
CA ILE A 180 11.06 1.26 -8.38
C ILE A 180 12.16 1.27 -7.32
N GLY A 181 13.40 1.04 -7.78
CA GLY A 181 14.58 1.17 -6.94
C GLY A 181 14.60 0.20 -5.76
N GLY A 182 13.95 -0.96 -5.90
CA GLY A 182 13.90 -1.94 -4.83
C GLY A 182 12.69 -1.77 -3.91
N THR A 183 11.83 -0.77 -4.18
CA THR A 183 10.64 -0.51 -3.37
C THR A 183 9.39 -0.90 -4.16
N TYR A 184 8.65 -1.91 -3.67
CA TYR A 184 7.35 -2.25 -4.22
C TYR A 184 6.28 -1.29 -3.66
N LEU A 185 5.39 -0.79 -4.53
CA LEU A 185 4.51 0.31 -4.15
C LEU A 185 3.08 -0.17 -3.92
N GLY A 186 2.86 -1.49 -4.02
CA GLY A 186 1.54 -2.09 -3.80
C GLY A 186 0.66 -2.00 -5.05
N PRO A 187 -0.55 -2.60 -5.03
CA PRO A 187 -1.43 -2.50 -6.18
C PRO A 187 -1.66 -1.06 -6.59
N ALA A 188 -1.63 -0.82 -7.91
CA ALA A 188 -2.18 0.36 -8.53
C ALA A 188 -3.63 0.10 -8.94
N PHE A 189 -3.87 -1.08 -9.52
CA PHE A 189 -5.19 -1.49 -9.99
C PHE A 189 -5.57 -2.80 -9.32
N ARG A 190 -6.85 -2.91 -8.92
CA ARG A 190 -7.34 -4.13 -8.31
C ARG A 190 -8.56 -4.60 -9.11
N GLY A 191 -9.11 -5.76 -8.76
CA GLY A 191 -10.31 -6.28 -9.38
C GLY A 191 -10.07 -6.94 -10.73
N LEU A 192 -8.86 -7.47 -10.98
CA LEU A 192 -8.49 -7.94 -12.30
C LEU A 192 -8.70 -9.45 -12.45
N LYS A 193 -9.17 -10.15 -11.40
CA LYS A 193 -9.30 -11.60 -11.45
C LYS A 193 -10.23 -11.97 -12.61
N GLY A 194 -9.90 -13.07 -13.29
CA GLY A 194 -10.73 -13.57 -14.39
C GLY A 194 -10.28 -13.11 -15.78
N ARG A 195 -9.50 -12.02 -15.84
CA ARG A 195 -9.08 -11.46 -17.10
C ARG A 195 -7.83 -12.17 -17.61
N THR A 196 -7.50 -11.98 -18.88
CA THR A 196 -6.23 -12.44 -19.43
C THR A 196 -5.50 -11.19 -19.93
N LEU A 197 -4.34 -10.89 -19.35
CA LEU A 197 -3.75 -9.57 -19.50
C LEU A 197 -2.31 -9.70 -19.98
N TYR A 198 -1.95 -8.81 -20.90
CA TYR A 198 -0.66 -8.81 -21.56
C TYR A 198 0.14 -7.60 -21.12
N PRO A 199 1.47 -7.73 -20.99
CA PRO A 199 2.31 -6.56 -20.83
C PRO A 199 2.04 -5.56 -21.95
N ALA A 200 2.07 -4.28 -21.61
CA ALA A 200 1.74 -3.27 -22.61
C ALA A 200 2.36 -1.94 -22.22
N VAL A 201 2.66 -1.14 -23.24
CA VAL A 201 3.00 0.26 -23.08
C VAL A 201 2.33 1.06 -24.18
N SER A 202 2.21 2.39 -23.99
CA SER A 202 1.89 3.28 -25.11
C SER A 202 2.89 4.45 -25.10
N ALA A 203 3.33 4.84 -26.30
CA ALA A 203 4.49 5.72 -26.48
C ALA A 203 4.21 6.74 -27.58
N VAL A 204 4.87 7.90 -27.45
CA VAL A 204 4.71 9.00 -28.40
C VAL A 204 6.03 9.52 -28.97
N TRP A 205 7.17 9.02 -28.49
CA TRP A 205 8.47 9.64 -28.77
C TRP A 205 9.13 9.02 -29.99
N GLY A 206 9.52 9.88 -30.94
CA GLY A 206 10.21 9.45 -32.15
C GLY A 206 11.51 8.74 -31.82
N GLN A 207 11.63 7.49 -32.27
CA GLN A 207 12.80 6.66 -32.07
C GLN A 207 13.01 6.22 -30.63
N CYS A 208 11.97 6.22 -29.79
CA CYS A 208 12.14 5.66 -28.46
C CYS A 208 12.34 4.15 -28.57
N GLN A 209 13.12 3.62 -27.64
CA GLN A 209 13.41 2.20 -27.46
C GLN A 209 12.97 1.78 -26.07
N VAL A 210 12.01 0.85 -26.03
CA VAL A 210 11.46 0.36 -24.78
C VAL A 210 11.78 -1.12 -24.62
N ARG A 211 12.54 -1.41 -23.56
CA ARG A 211 12.99 -2.78 -23.30
C ARG A 211 12.06 -3.50 -22.30
N ILE A 212 11.83 -4.80 -22.52
CA ILE A 212 11.04 -5.60 -21.56
C ILE A 212 11.88 -6.83 -21.19
N ARG A 213 12.01 -7.06 -19.89
CA ARG A 213 12.70 -8.25 -19.40
C ARG A 213 11.79 -9.00 -18.44
N TYR A 214 11.10 -10.02 -18.95
CA TYR A 214 10.20 -10.84 -18.17
C TYR A 214 10.99 -11.74 -17.20
N LEU A 215 10.59 -11.75 -15.92
CA LEU A 215 11.32 -12.48 -14.91
C LEU A 215 10.70 -13.83 -14.58
N GLY A 216 9.39 -13.95 -14.74
CA GLY A 216 8.64 -15.14 -14.34
C GLY A 216 7.25 -14.70 -13.89
N GLU A 217 6.38 -15.64 -13.50
CA GLU A 217 6.70 -17.06 -13.43
C GLU A 217 6.55 -17.75 -14.80
N GLY B 14 14.43 19.45 -37.07
CA GLY B 14 13.09 19.94 -37.45
C GLY B 14 11.99 19.00 -36.96
N VAL B 15 11.93 18.77 -35.65
CA VAL B 15 10.99 17.82 -35.08
C VAL B 15 10.09 18.54 -34.08
N ASP B 16 8.98 17.88 -33.70
CA ASP B 16 8.01 18.44 -32.79
C ASP B 16 8.39 18.13 -31.34
N ILE B 17 7.44 18.40 -30.43
CA ILE B 17 7.64 18.26 -29.01
C ILE B 17 8.02 16.82 -28.63
N ASN B 18 7.62 15.85 -29.46
CA ASN B 18 7.81 14.45 -29.19
C ASN B 18 8.80 13.82 -30.17
N ASN B 19 9.69 14.64 -30.75
CA ASN B 19 10.79 14.12 -31.57
C ASN B 19 10.29 13.48 -32.86
N ASN B 20 9.13 13.93 -33.36
CA ASN B 20 8.55 13.40 -34.58
C ASN B 20 8.53 14.48 -35.68
N LEU C 18 -10.61 -2.10 -2.69
CA LEU C 18 -10.21 -0.74 -3.13
C LEU C 18 -8.87 -0.34 -2.51
N TYR C 19 -8.56 -0.83 -1.29
CA TYR C 19 -7.36 -0.37 -0.61
C TYR C 19 -6.44 -1.53 -0.23
N PHE C 20 -6.77 -2.76 -0.59
CA PHE C 20 -6.03 -3.87 -0.03
C PHE C 20 -4.59 -3.89 -0.54
N GLN C 21 -3.72 -4.39 0.35
CA GLN C 21 -2.28 -4.54 0.13
C GLN C 21 -1.93 -5.96 0.54
N SER C 22 -0.84 -6.48 -0.03
CA SER C 22 -0.26 -7.75 0.41
C SER C 22 0.13 -7.61 1.88
N MET C 23 0.01 -8.73 2.60
CA MET C 23 0.35 -8.78 4.01
C MET C 23 1.80 -9.19 4.19
N PRO C 24 2.44 -8.82 5.29
CA PRO C 24 3.75 -9.37 5.60
C PRO C 24 3.69 -10.88 5.80
N GLU C 25 4.78 -11.56 5.45
CA GLU C 25 4.87 -13.00 5.64
C GLU C 25 4.54 -13.35 7.09
N GLY C 26 3.67 -14.35 7.27
CA GLY C 26 3.33 -14.84 8.60
C GLY C 26 1.97 -14.34 9.08
N LEU C 27 1.47 -13.24 8.49
CA LEU C 27 0.27 -12.63 9.03
C LEU C 27 -0.95 -13.51 8.71
N GLU C 28 -1.07 -13.95 7.45
CA GLU C 28 -2.14 -14.85 7.08
C GLU C 28 -2.26 -16.00 8.07
N GLU C 29 -1.13 -16.62 8.43
CA GLU C 29 -1.14 -17.78 9.32
C GLU C 29 -1.67 -17.41 10.70
N LEU C 30 -1.27 -16.23 11.20
CA LEU C 30 -1.72 -15.73 12.48
C LEU C 30 -3.24 -15.55 12.46
N LEU C 31 -3.78 -15.06 11.33
CA LEU C 31 -5.20 -14.77 11.27
C LEU C 31 -6.02 -16.05 11.09
N SER C 32 -5.38 -17.11 10.57
CA SER C 32 -6.04 -18.37 10.29
C SER C 32 -6.13 -19.25 11.52
N ALA C 33 -5.16 -19.11 12.43
CA ALA C 33 -5.10 -19.90 13.66
C ALA C 33 -6.39 -19.71 14.47
N PRO C 34 -6.77 -20.69 15.32
CA PRO C 34 -7.88 -20.46 16.23
C PRO C 34 -7.58 -19.28 17.15
N PRO C 35 -8.61 -18.53 17.62
CA PRO C 35 -8.36 -17.45 18.55
C PRO C 35 -7.57 -17.92 19.76
N PRO C 36 -6.71 -17.03 20.29
CA PRO C 36 -5.89 -17.39 21.44
C PRO C 36 -6.73 -17.52 22.71
N ASP C 37 -6.30 -18.37 23.63
CA ASP C 37 -6.94 -18.52 24.92
C ASP C 37 -6.80 -17.22 25.70
N LEU C 38 -7.64 -17.07 26.73
CA LEU C 38 -7.69 -15.83 27.47
C LEU C 38 -6.37 -15.61 28.21
N GLY C 39 -5.71 -16.70 28.62
CA GLY C 39 -4.42 -16.59 29.29
C GLY C 39 -3.39 -15.91 28.40
N ALA C 40 -3.32 -16.32 27.14
CA ALA C 40 -2.38 -15.74 26.20
C ALA C 40 -2.77 -14.28 25.98
N GLN C 41 -4.07 -14.00 25.94
CA GLN C 41 -4.52 -12.62 25.73
C GLN C 41 -4.14 -11.74 26.91
N ARG C 42 -4.28 -12.26 28.14
CA ARG C 42 -3.94 -11.49 29.31
C ARG C 42 -2.45 -11.14 29.36
N ARG C 43 -1.60 -12.08 28.93
CA ARG C 43 -0.15 -11.91 29.00
C ARG C 43 0.33 -10.73 28.16
N HIS C 44 -0.32 -10.47 27.02
CA HIS C 44 0.04 -9.37 26.12
C HIS C 44 -1.00 -8.23 26.18
N GLY C 45 -1.93 -8.31 27.13
CA GLY C 45 -3.01 -7.33 27.23
C GLY C 45 -2.59 -6.05 27.95
N TRP C 46 -3.59 -5.25 28.32
CA TRP C 46 -3.31 -3.94 28.90
C TRP C 46 -2.61 -4.12 30.24
N ASN C 47 -1.65 -3.24 30.51
CA ASN C 47 -0.83 -3.29 31.72
C ASN C 47 -1.43 -2.42 32.81
N PRO C 48 -1.97 -2.99 33.92
CA PRO C 48 -2.47 -2.17 35.01
C PRO C 48 -1.36 -1.33 35.68
N LYS C 49 -0.11 -1.73 35.49
CA LYS C 49 1.03 -0.99 36.00
C LYS C 49 1.57 0.02 34.99
N ASP C 50 0.90 0.23 33.85
CA ASP C 50 1.41 1.15 32.85
C ASP C 50 0.24 1.75 32.07
N CYS C 51 -0.59 2.50 32.79
CA CYS C 51 -1.75 3.14 32.20
C CYS C 51 -2.05 4.43 32.96
N SER C 52 -2.88 5.27 32.36
CA SER C 52 -3.37 6.48 33.00
C SER C 52 -3.99 6.11 34.34
N GLU C 53 -3.77 6.98 35.32
CA GLU C 53 -4.45 6.86 36.61
C GLU C 53 -5.98 6.93 36.45
N ASN C 54 -6.51 7.39 35.31
CA ASN C 54 -7.95 7.44 35.09
C ASN C 54 -8.47 6.18 34.37
N ILE C 55 -7.59 5.19 34.15
CA ILE C 55 -7.98 3.97 33.47
C ILE C 55 -7.88 2.80 34.44
N GLU C 56 -8.92 1.93 34.41
CA GLU C 56 -8.93 0.67 35.13
C GLU C 56 -8.84 -0.48 34.14
N VAL C 57 -7.81 -1.31 34.31
CA VAL C 57 -7.62 -2.49 33.50
C VAL C 57 -8.43 -3.62 34.15
N LYS C 58 -9.18 -4.34 33.32
CA LYS C 58 -10.12 -5.36 33.76
C LYS C 58 -9.75 -6.73 33.22
N GLU C 59 -10.18 -7.78 33.95
CA GLU C 59 -10.04 -9.17 33.55
C GLU C 59 -8.60 -9.51 33.22
N GLY C 60 -7.66 -8.94 33.98
CA GLY C 60 -6.26 -9.33 33.88
C GLY C 60 -5.61 -8.83 32.61
N GLY C 61 -6.22 -7.83 31.94
CA GLY C 61 -5.63 -7.19 30.76
C GLY C 61 -6.49 -7.26 29.49
N LEU C 62 -7.61 -7.99 29.53
CA LEU C 62 -8.42 -8.20 28.31
C LEU C 62 -8.99 -6.89 27.78
N TYR C 63 -9.37 -5.98 28.68
CA TYR C 63 -9.87 -4.67 28.29
C TYR C 63 -9.62 -3.68 29.42
N PHE C 64 -9.88 -2.40 29.15
CA PHE C 64 -9.79 -1.38 30.19
C PHE C 64 -11.06 -0.54 30.09
N GLU C 65 -11.39 0.11 31.20
CA GLU C 65 -12.43 1.13 31.19
C GLU C 65 -11.81 2.46 31.62
N ARG C 66 -12.10 3.51 30.86
CA ARG C 66 -11.67 4.86 31.23
C ARG C 66 -12.76 5.48 32.11
N ARG C 67 -12.39 5.92 33.32
CA ARG C 67 -13.34 6.59 34.19
C ARG C 67 -13.81 7.90 33.53
N PRO C 68 -15.00 8.41 33.89
CA PRO C 68 -15.44 9.70 33.40
C PRO C 68 -14.69 10.83 34.10
N VAL C 69 -13.82 11.50 33.35
CA VAL C 69 -12.99 12.56 33.89
C VAL C 69 -12.98 13.64 32.81
N ALA C 70 -13.38 14.87 33.19
CA ALA C 70 -13.50 15.96 32.24
C ALA C 70 -12.12 16.48 31.87
N GLN C 71 -11.97 16.96 30.63
CA GLN C 71 -10.76 17.58 30.15
C GLN C 71 -9.54 16.70 30.42
N SER C 72 -9.60 15.45 29.96
CA SER C 72 -8.49 14.52 30.13
C SER C 72 -8.40 13.59 28.90
N THR C 73 -7.19 13.36 28.38
CA THR C 73 -6.96 12.26 27.48
C THR C 73 -6.09 11.22 28.21
N ASP C 74 -6.38 9.94 27.98
CA ASP C 74 -5.95 8.85 28.83
C ASP C 74 -5.55 7.63 27.98
N GLY C 75 -4.31 7.19 28.16
CA GLY C 75 -3.76 6.09 27.39
C GLY C 75 -3.35 4.91 28.26
N ALA C 76 -3.11 3.79 27.57
CA ALA C 76 -2.65 2.55 28.16
C ALA C 76 -1.66 1.92 27.20
N ARG C 77 -0.69 1.22 27.78
CA ARG C 77 0.20 0.36 27.04
C ARG C 77 -0.09 -1.11 27.39
N GLY C 78 0.19 -1.96 26.41
CA GLY C 78 0.26 -3.40 26.63
C GLY C 78 1.38 -3.74 27.60
N LYS C 79 1.32 -4.94 28.17
CA LYS C 79 2.34 -5.41 29.11
C LYS C 79 3.70 -5.65 28.44
N ARG C 80 3.73 -5.95 27.12
CA ARG C 80 4.96 -6.40 26.50
C ARG C 80 5.35 -5.52 25.32
N GLY C 81 6.65 -5.27 25.20
CA GLY C 81 7.20 -4.45 24.14
C GLY C 81 7.91 -5.33 23.11
N TYR C 82 7.76 -4.99 21.83
CA TYR C 82 8.25 -5.81 20.74
C TYR C 82 9.36 -5.09 19.98
N SER C 83 10.45 -5.81 19.72
CA SER C 83 11.58 -5.25 19.00
C SER C 83 11.96 -6.06 17.76
N ARG C 84 11.48 -7.30 17.67
CA ARG C 84 11.70 -8.15 16.52
C ARG C 84 10.44 -8.97 16.25
N GLY C 85 10.37 -9.51 15.03
CA GLY C 85 9.33 -10.44 14.62
C GLY C 85 8.02 -9.72 14.28
N LEU C 86 6.98 -10.53 14.04
CA LEU C 86 5.68 -10.05 13.62
C LEU C 86 4.72 -10.09 14.80
N HIS C 87 4.01 -8.98 15.01
CA HIS C 87 3.08 -8.88 16.12
C HIS C 87 1.75 -8.30 15.63
N ALA C 88 0.64 -8.93 16.01
CA ALA C 88 -0.66 -8.47 15.54
C ALA C 88 -1.68 -8.66 16.67
N TRP C 89 -2.49 -7.65 16.90
CA TRP C 89 -3.55 -7.75 17.89
C TRP C 89 -4.80 -7.06 17.37
N GLU C 90 -5.96 -7.61 17.74
CA GLU C 90 -7.22 -6.95 17.51
C GLU C 90 -7.49 -5.93 18.61
N ILE C 91 -7.99 -4.77 18.19
CA ILE C 91 -8.61 -3.80 19.08
C ILE C 91 -10.10 -3.80 18.80
N SER C 92 -10.89 -3.90 19.85
CA SER C 92 -12.33 -3.71 19.77
C SER C 92 -12.73 -2.46 20.54
N TRP C 93 -13.26 -1.46 19.83
CA TRP C 93 -13.52 -0.14 20.38
C TRP C 93 -14.87 0.34 19.89
N PRO C 94 -15.95 0.15 20.69
CA PRO C 94 -17.29 0.48 20.24
C PRO C 94 -17.40 1.86 19.62
N LEU C 95 -18.14 1.94 18.53
CA LEU C 95 -18.36 3.17 17.79
C LEU C 95 -18.87 4.28 18.70
N GLU C 96 -19.81 3.98 19.60
CA GLU C 96 -20.47 5.01 20.39
C GLU C 96 -19.63 5.37 21.61
N GLN C 97 -18.42 4.80 21.73
CA GLN C 97 -17.56 5.08 22.86
C GLN C 97 -16.23 5.69 22.43
N ARG C 98 -16.22 6.44 21.31
CA ARG C 98 -14.99 6.96 20.76
C ARG C 98 -14.81 8.45 21.08
N GLY C 99 -15.90 9.24 21.03
CA GLY C 99 -15.81 10.66 21.33
C GLY C 99 -14.98 11.40 20.29
N THR C 100 -14.29 12.48 20.73
CA THR C 100 -13.64 13.41 19.82
C THR C 100 -12.29 12.89 19.35
N HIS C 101 -11.62 12.05 20.16
CA HIS C 101 -10.26 11.63 19.86
C HIS C 101 -10.03 10.20 20.34
N ALA C 102 -10.08 9.28 19.39
CA ALA C 102 -9.81 7.88 19.64
C ALA C 102 -8.65 7.46 18.73
N VAL C 103 -7.49 7.14 19.33
CA VAL C 103 -6.28 6.90 18.58
C VAL C 103 -5.69 5.54 18.96
N VAL C 104 -5.34 4.75 17.92
CA VAL C 104 -4.86 3.39 18.06
C VAL C 104 -3.49 3.28 17.40
N GLY C 105 -2.52 2.76 18.16
CA GLY C 105 -1.21 2.52 17.57
C GLY C 105 -0.27 1.83 18.55
N VAL C 106 0.97 2.38 18.63
CA VAL C 106 2.02 1.89 19.49
C VAL C 106 2.75 3.06 20.15
N ALA C 107 3.51 2.72 21.19
CA ALA C 107 4.22 3.70 22.00
C ALA C 107 5.51 3.06 22.49
N THR C 108 6.57 3.88 22.66
CA THR C 108 7.72 3.45 23.43
C THR C 108 7.28 3.36 24.89
N ALA C 109 8.17 2.85 25.74
CA ALA C 109 7.91 2.81 27.17
C ALA C 109 7.79 4.21 27.80
N LEU C 110 8.22 5.27 27.09
CA LEU C 110 8.31 6.60 27.68
C LEU C 110 7.19 7.53 27.21
N ALA C 111 6.32 7.11 26.28
CA ALA C 111 5.26 8.00 25.85
C ALA C 111 4.37 8.41 27.03
N PRO C 112 3.98 9.70 27.18
CA PRO C 112 3.03 10.09 28.22
C PRO C 112 1.66 9.49 27.98
N LEU C 113 1.02 9.07 29.07
CA LEU C 113 -0.26 8.39 28.97
C LEU C 113 -1.42 9.23 29.54
N GLN C 114 -1.16 10.48 29.95
CA GLN C 114 -2.24 11.36 30.39
C GLN C 114 -1.94 12.80 29.97
N THR C 115 -2.98 13.56 29.62
CA THR C 115 -2.85 15.00 29.45
C THR C 115 -4.19 15.67 29.78
N ASP C 116 -4.11 16.99 30.04
CA ASP C 116 -5.14 17.72 30.74
C ASP C 116 -6.10 18.44 29.78
N HIS C 117 -6.32 17.87 28.59
CA HIS C 117 -7.33 18.36 27.66
C HIS C 117 -7.65 17.20 26.71
N TYR C 118 -8.62 17.41 25.84
CA TYR C 118 -8.98 16.42 24.83
C TYR C 118 -8.10 16.58 23.60
N ALA C 119 -7.43 15.49 23.20
CA ALA C 119 -6.45 15.54 22.14
C ALA C 119 -6.08 14.13 21.66
N ALA C 120 -5.42 14.08 20.51
CA ALA C 120 -4.76 12.87 20.03
C ALA C 120 -3.40 12.70 20.72
N LEU C 121 -3.44 12.31 22.00
CA LEU C 121 -2.26 12.14 22.82
C LEU C 121 -1.31 11.12 22.19
N LEU C 122 -1.88 10.00 21.76
CA LEU C 122 -1.06 9.00 21.10
C LEU C 122 -0.70 9.55 19.72
N GLY C 123 0.59 9.80 19.50
CA GLY C 123 1.09 10.34 18.24
C GLY C 123 1.41 11.83 18.30
N SER C 124 1.22 12.45 19.46
CA SER C 124 1.47 13.88 19.63
C SER C 124 2.94 14.18 19.97
N ASN C 125 3.79 13.15 20.03
CA ASN C 125 5.18 13.34 20.43
C ASN C 125 6.04 12.35 19.64
N SER C 126 7.36 12.37 19.91
CA SER C 126 8.30 11.49 19.24
C SER C 126 8.27 10.07 19.79
N GLU C 127 7.49 9.81 20.84
CA GLU C 127 7.48 8.52 21.53
C GLU C 127 6.28 7.64 21.15
N SER C 128 5.44 8.09 20.20
CA SER C 128 4.23 7.36 19.90
C SER C 128 3.76 7.59 18.47
N TRP C 129 3.01 6.60 17.95
CA TRP C 129 2.50 6.56 16.58
C TRP C 129 1.06 6.04 16.62
N GLY C 130 0.11 6.78 16.06
CA GLY C 130 -1.29 6.45 16.17
C GLY C 130 -2.11 6.79 14.92
N TRP C 131 -3.16 5.99 14.71
CA TRP C 131 -4.19 6.22 13.71
C TRP C 131 -5.45 6.69 14.41
N ASP C 132 -5.90 7.89 14.05
CA ASP C 132 -7.15 8.42 14.57
C ASP C 132 -8.27 7.68 13.86
N ILE C 133 -9.03 6.86 14.59
CA ILE C 133 -9.97 5.98 13.93
C ILE C 133 -11.28 6.72 13.65
N GLY C 134 -11.43 7.95 14.15
CA GLY C 134 -12.60 8.75 13.88
C GLY C 134 -12.41 9.59 12.62
N ARG C 135 -11.24 10.19 12.47
CA ARG C 135 -10.96 11.12 11.38
C ARG C 135 -10.12 10.49 10.29
N GLY C 136 -9.40 9.41 10.61
CA GLY C 136 -8.60 8.68 9.65
C GLY C 136 -7.17 9.21 9.49
N LYS C 137 -6.74 10.16 10.32
CA LYS C 137 -5.43 10.79 10.17
C LYS C 137 -4.35 10.02 10.93
N LEU C 138 -3.10 10.18 10.51
CA LEU C 138 -1.96 9.54 11.17
C LEU C 138 -1.18 10.59 11.96
N TYR C 139 -0.82 10.23 13.21
CA TYR C 139 -0.11 11.13 14.12
C TYR C 139 1.22 10.51 14.55
N HIS C 140 2.30 11.24 14.26
CA HIS C 140 3.60 11.02 14.88
C HIS C 140 4.28 12.38 14.98
N GLN C 141 4.65 12.77 16.19
CA GLN C 141 5.14 14.12 16.46
C GLN C 141 4.21 15.18 15.87
N SER C 142 2.90 15.02 16.08
CA SER C 142 1.91 15.82 15.37
C SER C 142 0.83 16.28 16.33
N LYS C 143 0.46 17.57 16.21
CA LYS C 143 -0.64 18.14 16.96
C LYS C 143 -1.95 18.03 16.17
N GLY C 144 -1.87 17.65 14.88
CA GLY C 144 -3.07 17.51 14.07
C GLY C 144 -2.95 18.16 12.70
N PRO C 145 -2.43 19.41 12.60
CA PRO C 145 -2.36 20.11 11.31
C PRO C 145 -1.39 19.49 10.32
N GLY C 146 -1.92 19.16 9.14
CA GLY C 146 -1.13 18.58 8.05
C GLY C 146 -0.89 17.09 8.25
N ALA C 147 -1.71 16.46 9.12
CA ALA C 147 -1.60 15.03 9.36
C ALA C 147 -2.13 14.29 8.14
N PRO C 148 -1.36 13.32 7.56
CA PRO C 148 -1.84 12.59 6.39
C PRO C 148 -3.03 11.70 6.68
N GLN C 149 -3.80 11.41 5.62
CA GLN C 149 -4.97 10.56 5.70
C GLN C 149 -4.50 9.13 5.47
N TYR C 150 -5.10 8.16 6.17
CA TYR C 150 -4.78 6.75 5.95
C TYR C 150 -6.08 5.95 5.94
N PRO C 151 -6.28 5.05 4.94
CA PRO C 151 -5.35 4.90 3.82
C PRO C 151 -5.35 6.12 2.90
N ALA C 152 -4.24 6.32 2.19
CA ALA C 152 -4.07 7.51 1.35
C ALA C 152 -4.86 7.35 0.03
N LEU C 159 -12.77 5.91 4.71
CA LEU C 159 -13.12 4.58 5.30
C LEU C 159 -13.63 4.76 6.73
N GLU C 160 -14.82 4.19 6.98
CA GLU C 160 -15.35 3.97 8.31
C GLU C 160 -14.53 2.87 8.98
N VAL C 161 -14.02 3.14 10.18
CA VAL C 161 -13.32 2.10 10.91
C VAL C 161 -14.37 1.39 11.78
N PRO C 162 -14.63 0.07 11.57
CA PRO C 162 -15.64 -0.61 12.37
C PRO C 162 -15.16 -0.81 13.79
N GLU C 163 -15.98 -1.44 14.63
CA GLU C 163 -15.59 -1.62 16.02
C GLU C 163 -14.26 -2.36 16.15
N ARG C 164 -14.10 -3.42 15.36
CA ARG C 164 -12.89 -4.25 15.36
C ARG C 164 -11.89 -3.70 14.36
N LEU C 165 -10.65 -3.52 14.78
CA LEU C 165 -9.58 -3.33 13.80
C LEU C 165 -8.40 -4.21 14.20
N LEU C 166 -7.56 -4.52 13.22
CA LEU C 166 -6.34 -5.26 13.44
C LEU C 166 -5.15 -4.33 13.37
N VAL C 167 -4.27 -4.42 14.39
CA VAL C 167 -3.04 -3.64 14.43
C VAL C 167 -1.88 -4.61 14.15
N VAL C 168 -0.99 -4.21 13.23
CA VAL C 168 0.00 -5.09 12.66
C VAL C 168 1.35 -4.41 12.78
N LEU C 169 2.18 -4.93 13.69
CA LEU C 169 3.49 -4.35 13.95
C LEU C 169 4.53 -5.35 13.48
N ASP C 170 5.21 -4.99 12.39
CA ASP C 170 6.20 -5.85 11.77
C ASP C 170 7.57 -5.30 12.14
N MET C 171 8.22 -5.92 13.13
CA MET C 171 9.49 -5.36 13.62
C MET C 171 10.68 -5.89 12.83
N GLU C 172 10.46 -6.78 11.86
CA GLU C 172 11.49 -7.13 10.90
C GLU C 172 11.66 -6.03 9.85
N GLU C 173 10.54 -5.46 9.37
CA GLU C 173 10.57 -4.42 8.36
C GLU C 173 10.41 -3.03 8.97
N GLY C 174 10.00 -2.98 10.24
CA GLY C 174 9.89 -1.72 10.93
C GLY C 174 8.63 -0.96 10.53
N THR C 175 7.48 -1.66 10.46
CA THR C 175 6.23 -1.02 10.02
C THR C 175 5.13 -1.23 11.05
N LEU C 176 4.26 -0.23 11.13
CA LEU C 176 2.97 -0.34 11.78
C LEU C 176 1.88 -0.02 10.77
N GLY C 177 0.93 -0.93 10.63
CA GLY C 177 -0.22 -0.78 9.75
C GLY C 177 -1.42 -1.50 10.35
N TYR C 178 -2.51 -1.56 9.59
CA TYR C 178 -3.81 -1.92 10.14
C TYR C 178 -4.59 -2.69 9.09
N ALA C 179 -5.53 -3.52 9.56
CA ALA C 179 -6.49 -4.16 8.69
C ALA C 179 -7.89 -3.94 9.25
N ILE C 180 -8.86 -3.80 8.34
CA ILE C 180 -10.24 -3.77 8.75
C ILE C 180 -11.04 -4.67 7.81
N GLY C 181 -11.94 -5.47 8.41
CA GLY C 181 -12.92 -6.25 7.67
C GLY C 181 -12.28 -7.24 6.70
N GLY C 182 -11.08 -7.74 7.03
CA GLY C 182 -10.39 -8.71 6.19
C GLY C 182 -9.37 -8.05 5.25
N THR C 183 -9.36 -6.71 5.17
CA THR C 183 -8.52 -5.98 4.23
C THR C 183 -7.33 -5.36 4.96
N TYR C 184 -6.11 -5.84 4.68
CA TYR C 184 -4.91 -5.20 5.19
C TYR C 184 -4.56 -3.96 4.35
N LEU C 185 -4.21 -2.87 5.03
CA LEU C 185 -4.13 -1.57 4.39
C LEU C 185 -2.69 -1.16 4.18
N GLY C 186 -1.74 -2.03 4.54
CA GLY C 186 -0.32 -1.75 4.39
C GLY C 186 0.22 -0.84 5.49
N PRO C 187 1.54 -0.55 5.49
CA PRO C 187 2.12 0.33 6.49
C PRO C 187 1.44 1.70 6.54
N ALA C 188 1.16 2.15 7.77
CA ALA C 188 0.86 3.55 8.05
C ALA C 188 2.15 4.28 8.44
N PHE C 189 2.97 3.61 9.24
CA PHE C 189 4.26 4.15 9.67
C PHE C 189 5.37 3.18 9.29
N ARG C 190 6.49 3.75 8.84
CA ARG C 190 7.68 3.00 8.50
C ARG C 190 8.86 3.54 9.28
N GLY C 191 9.99 2.83 9.20
CA GLY C 191 11.25 3.24 9.77
C GLY C 191 11.30 2.98 11.27
N LEU C 192 10.61 1.94 11.73
CA LEU C 192 10.52 1.66 13.17
C LEU C 192 11.60 0.70 13.65
N LYS C 193 12.49 0.23 12.75
CA LYS C 193 13.45 -0.80 13.10
C LYS C 193 14.32 -0.31 14.26
N GLY C 194 14.65 -1.21 15.19
CA GLY C 194 15.54 -0.87 16.30
C GLY C 194 14.81 -0.47 17.58
N ARG C 195 13.52 -0.13 17.48
CA ARG C 195 12.74 0.32 18.62
C ARG C 195 12.13 -0.86 19.37
N THR C 196 11.67 -0.59 20.60
CA THR C 196 10.86 -1.54 21.34
C THR C 196 9.51 -0.88 21.57
N LEU C 197 8.46 -1.47 21.00
CA LEU C 197 7.19 -0.76 20.89
C LEU C 197 6.08 -1.61 21.50
N TYR C 198 5.18 -0.90 22.18
CA TYR C 198 4.10 -1.47 22.95
C TYR C 198 2.76 -1.17 22.29
N PRO C 199 1.78 -2.09 22.34
CA PRO C 199 0.40 -1.73 21.99
C PRO C 199 -0.06 -0.52 22.80
N ALA C 200 -0.77 0.40 22.16
CA ALA C 200 -1.23 1.58 22.85
C ALA C 200 -2.48 2.16 22.22
N VAL C 201 -3.27 2.84 23.05
CA VAL C 201 -4.34 3.70 22.59
C VAL C 201 -4.33 4.96 23.44
N SER C 202 -4.99 6.01 22.94
CA SER C 202 -5.40 7.12 23.81
C SER C 202 -6.89 7.40 23.60
N ALA C 203 -7.59 7.67 24.71
CA ALA C 203 -9.05 7.74 24.78
C ALA C 203 -9.51 8.96 25.57
N VAL C 204 -10.68 9.49 25.20
CA VAL C 204 -11.27 10.63 25.88
C VAL C 204 -12.66 10.35 26.42
N TRP C 205 -13.24 9.16 26.14
CA TRP C 205 -14.68 8.97 26.34
C TRP C 205 -14.97 8.40 27.72
N GLY C 206 -15.88 9.06 28.45
CA GLY C 206 -16.31 8.58 29.74
C GLY C 206 -16.92 7.18 29.66
N GLN C 207 -16.29 6.25 30.41
CA GLN C 207 -16.71 4.88 30.56
C GLN C 207 -16.48 4.06 29.30
N CYS C 208 -15.61 4.51 28.38
CA CYS C 208 -15.28 3.64 27.25
C CYS C 208 -14.58 2.39 27.76
N GLN C 209 -14.79 1.30 27.02
CA GLN C 209 -14.17 0.01 27.24
C GLN C 209 -13.48 -0.42 25.95
N VAL C 210 -12.17 -0.64 26.02
CA VAL C 210 -11.34 -0.96 24.87
C VAL C 210 -10.67 -2.31 25.09
N ARG C 211 -10.98 -3.22 24.17
CA ARG C 211 -10.50 -4.61 24.27
C ARG C 211 -9.26 -4.84 23.40
N ILE C 212 -8.32 -5.63 23.92
CA ILE C 212 -7.13 -6.01 23.12
C ILE C 212 -7.05 -7.55 23.11
N ARG C 213 -6.95 -8.10 21.92
CA ARG C 213 -6.81 -9.54 21.74
C ARG C 213 -5.59 -9.81 20.87
N TYR C 214 -4.46 -10.11 21.55
CA TYR C 214 -3.18 -10.37 20.91
C TYR C 214 -3.20 -11.74 20.24
N LEU C 215 -2.78 -11.79 18.97
CA LEU C 215 -2.83 -13.02 18.18
C LEU C 215 -1.48 -13.73 18.13
N GLY C 216 -0.38 -13.00 18.20
CA GLY C 216 0.96 -13.55 18.02
C GLY C 216 1.87 -12.49 17.42
N GLU C 217 3.16 -12.78 17.25
CA GLU C 217 3.76 -14.08 17.50
C GLU C 217 4.10 -14.25 18.99
N GLY D 14 -25.59 15.93 34.03
CA GLY D 14 -25.22 16.28 32.65
C GLY D 14 -23.74 15.99 32.40
N VAL D 15 -23.42 15.56 31.17
CA VAL D 15 -22.07 15.22 30.78
C VAL D 15 -21.69 16.08 29.58
N ASP D 16 -20.39 16.18 29.31
CA ASP D 16 -19.88 17.01 28.23
C ASP D 16 -19.84 16.22 26.92
N ILE D 17 -19.17 16.80 25.93
CA ILE D 17 -19.08 16.25 24.59
C ILE D 17 -18.51 14.83 24.61
N ASN D 18 -17.67 14.50 25.59
CA ASN D 18 -17.01 13.21 25.65
C ASN D 18 -17.54 12.36 26.80
N ASN D 19 -18.79 12.61 27.23
CA ASN D 19 -19.45 11.73 28.19
C ASN D 19 -18.80 11.79 29.57
N ASN D 20 -18.18 12.94 29.88
CA ASN D 20 -17.48 13.15 31.14
C ASN D 20 -18.17 14.24 31.98
C ACT E . 12.29 -3.47 -7.57
O ACT E . 12.52 -4.44 -8.28
OXT ACT E . 12.52 -2.26 -7.89
CH3 ACT E . 11.72 -3.81 -6.21
C ACT F . 20.07 -17.16 -24.20
O ACT F . 18.96 -17.68 -23.95
OXT ACT F . 20.75 -17.44 -25.21
CH3 ACT F . 20.64 -16.17 -23.24
C ACT G . -8.37 -8.34 9.15
O ACT G . -9.30 -7.47 9.11
OXT ACT G . -8.04 -8.93 10.17
CH3 ACT G . -7.63 -8.74 7.90
C1 EDO H . -14.16 -10.07 27.20
O1 EDO H . -14.74 -9.90 28.47
C2 EDO H . -13.37 -11.31 27.11
O2 EDO H . -14.11 -12.41 26.67
#